data_3D60
#
_entry.id   3D60
#
_cell.length_a   85.507
_cell.length_b   89.745
_cell.length_c   75.622
_cell.angle_alpha   90.00
_cell.angle_beta   90.00
_cell.angle_gamma   90.00
#
_symmetry.space_group_name_H-M   'C 2 2 21'
#
loop_
_entity.id
_entity.type
_entity.pdbx_description
1 polymer 'Intracellular arabinanase'
2 non-polymer 'CALCIUM ION'
3 water water
#
_entity_poly.entity_id   1
_entity_poly.type   'polypeptide(L)'
_entity_poly.pdbx_seq_one_letter_code
;VHFHPFGNVNFYEMDWSLKGDLWAHAPVIAKEGSRWYVFHTGSGIQIKTSEDGVHWENMGWVFPSLPDWYKQYVPEKDED
HLWAPDICFYNGIYYLYYSVSTFGKNTSVIGLATNQTLDPRDPDYEWKDMGPVIHSTASDNYNAIDPNVVFDQEGQPWLS
FGSFWSGIQLIQLDTETMKPAAQAELLTIASRGEEPNAIEAPFIVCRNGYYYLFVSFDFCCRGIESTYKIAVGRSKDITG
PYVDKNGVSMMQGGGTILDEGNDRWIGPGHCAVYFSGVSAILVNHAYDALKNGEPTLQIRPLYWDDEGWPYLSV
;
_entity_poly.pdbx_strand_id   A
#
loop_
_chem_comp.id
_chem_comp.type
_chem_comp.name
_chem_comp.formula
CA non-polymer 'CALCIUM ION' 'Ca 2'
#
# COMPACT_ATOMS: atom_id res chain seq x y z
N VAL A 1 2.70 12.28 9.74
CA VAL A 1 3.76 11.31 10.14
C VAL A 1 5.07 11.70 9.45
N HIS A 2 6.18 11.58 10.16
CA HIS A 2 7.46 11.96 9.59
C HIS A 2 7.86 11.19 8.33
N PHE A 3 7.39 9.96 8.20
CA PHE A 3 7.76 9.16 7.04
C PHE A 3 6.85 9.30 5.82
N HIS A 4 5.75 10.02 5.98
CA HIS A 4 4.80 10.31 4.89
C HIS A 4 4.47 11.80 5.04
N PRO A 5 5.48 12.68 4.87
CA PRO A 5 5.30 14.13 5.01
C PRO A 5 4.57 14.81 3.85
N PHE A 6 3.67 15.74 4.20
CA PHE A 6 2.93 16.48 3.19
C PHE A 6 2.95 17.99 3.42
N GLY A 7 3.67 18.42 4.44
CA GLY A 7 3.77 19.84 4.74
C GLY A 7 2.57 20.37 5.51
N ASN A 8 2.13 21.57 5.14
CA ASN A 8 1.00 22.19 5.82
C ASN A 8 -0.26 22.24 4.95
N VAL A 9 -0.35 21.32 3.99
CA VAL A 9 -1.51 21.26 3.11
C VAL A 9 -2.73 20.80 3.91
N ASN A 10 -3.92 21.23 3.49
CA ASN A 10 -5.14 20.83 4.18
C ASN A 10 -6.02 20.03 3.22
N PHE A 11 -5.88 18.71 3.31
CA PHE A 11 -6.61 17.76 2.47
C PHE A 11 -8.12 17.98 2.45
N TYR A 12 -8.66 18.45 3.57
CA TYR A 12 -10.10 18.68 3.68
C TYR A 12 -10.60 19.88 2.89
N GLU A 13 -9.72 20.84 2.64
CA GLU A 13 -10.07 22.04 1.91
C GLU A 13 -9.87 21.90 0.41
N MET A 14 -9.17 20.85 0.01
CA MET A 14 -8.88 20.62 -1.40
C MET A 14 -10.00 19.93 -2.19
N ASP A 15 -10.02 20.20 -3.49
CA ASP A 15 -11.00 19.58 -4.38
C ASP A 15 -10.31 18.35 -4.95
N TRP A 16 -10.89 17.19 -4.72
CA TRP A 16 -10.29 15.96 -5.21
C TRP A 16 -10.98 15.38 -6.44
N SER A 17 -11.34 16.26 -7.38
CA SER A 17 -11.96 15.83 -8.63
C SER A 17 -10.77 15.71 -9.58
N LEU A 18 -10.11 14.56 -9.52
CA LEU A 18 -8.93 14.29 -10.31
C LEU A 18 -9.15 14.31 -11.82
N LYS A 19 -8.07 14.63 -12.53
CA LYS A 19 -8.07 14.66 -13.98
C LYS A 19 -6.69 14.32 -14.52
N GLY A 20 -6.61 13.97 -15.79
CA GLY A 20 -5.34 13.63 -16.40
C GLY A 20 -5.22 12.13 -16.58
N ASP A 21 -4.02 11.60 -16.38
CA ASP A 21 -3.76 10.17 -16.51
C ASP A 21 -4.05 9.53 -15.16
N LEU A 22 -5.21 8.89 -15.05
CA LEU A 22 -5.63 8.28 -13.78
C LEU A 22 -5.68 6.75 -13.72
N TRP A 23 -5.25 6.07 -14.77
CA TRP A 23 -5.25 4.62 -14.74
C TRP A 23 -4.20 4.20 -13.72
N ALA A 24 -4.59 3.36 -12.77
CA ALA A 24 -3.64 2.94 -11.75
C ALA A 24 -4.17 1.81 -10.90
N HIS A 25 -3.26 0.90 -10.54
CA HIS A 25 -3.59 -0.22 -9.69
C HIS A 25 -2.65 -0.12 -8.50
N ALA A 26 -3.22 -0.19 -7.30
CA ALA A 26 -2.45 -0.10 -6.05
C ALA A 26 -1.52 1.10 -5.98
N PRO A 27 -2.08 2.31 -6.09
CA PRO A 27 -1.27 3.53 -6.04
C PRO A 27 -0.91 4.00 -4.62
N VAL A 28 0.26 4.60 -4.48
CA VAL A 28 0.71 5.17 -3.21
C VAL A 28 1.20 6.56 -3.59
N ILE A 29 1.20 7.47 -2.61
CA ILE A 29 1.60 8.85 -2.87
C ILE A 29 2.67 9.38 -1.93
N ALA A 30 3.46 10.33 -2.45
CA ALA A 30 4.51 10.97 -1.70
C ALA A 30 4.64 12.38 -2.27
N LYS A 31 5.00 13.33 -1.42
CA LYS A 31 5.16 14.71 -1.84
C LYS A 31 6.53 15.20 -1.40
N GLU A 32 7.23 15.84 -2.33
CA GLU A 32 8.56 16.38 -2.08
C GLU A 32 8.54 17.79 -2.65
N GLY A 33 8.66 18.78 -1.78
CA GLY A 33 8.61 20.15 -2.25
C GLY A 33 7.21 20.41 -2.77
N SER A 34 7.12 21.01 -3.95
CA SER A 34 5.83 21.34 -4.54
C SER A 34 5.32 20.25 -5.49
N ARG A 35 6.04 19.15 -5.59
CA ARG A 35 5.66 18.06 -6.49
C ARG A 35 5.04 16.87 -5.77
N TRP A 36 3.96 16.34 -6.36
CA TRP A 36 3.28 15.16 -5.83
C TRP A 36 3.66 13.99 -6.73
N TYR A 37 3.79 12.81 -6.16
CA TYR A 37 4.16 11.64 -6.93
C TYR A 37 3.31 10.43 -6.61
N VAL A 38 2.94 9.68 -7.63
CA VAL A 38 2.17 8.46 -7.44
C VAL A 38 2.99 7.30 -8.00
N PHE A 39 3.12 6.23 -7.21
CA PHE A 39 3.82 5.05 -7.67
C PHE A 39 2.76 3.97 -7.70
N HIS A 40 2.69 3.20 -8.78
CA HIS A 40 1.70 2.15 -8.85
C HIS A 40 2.17 0.95 -9.65
N THR A 41 1.35 -0.10 -9.63
CA THR A 41 1.63 -1.33 -10.33
C THR A 41 1.83 -1.12 -11.82
N GLY A 42 2.80 -1.83 -12.39
CA GLY A 42 3.07 -1.70 -13.80
C GLY A 42 4.51 -2.05 -14.15
N SER A 43 4.85 -1.95 -15.42
CA SER A 43 6.20 -2.27 -15.88
C SER A 43 7.25 -1.47 -15.11
N GLY A 44 8.13 -2.20 -14.41
CA GLY A 44 9.20 -1.58 -13.65
C GLY A 44 8.76 -0.57 -12.61
N ILE A 45 7.48 -0.63 -12.24
CA ILE A 45 6.85 0.31 -11.30
C ILE A 45 6.63 1.62 -12.03
N GLN A 46 5.36 1.95 -12.27
CA GLN A 46 4.99 3.17 -12.97
C GLN A 46 4.94 4.39 -12.06
N ILE A 47 5.25 5.55 -12.62
CA ILE A 47 5.26 6.79 -11.86
C ILE A 47 4.39 7.86 -12.51
N LYS A 48 3.68 8.61 -11.68
CA LYS A 48 2.84 9.72 -12.14
C LYS A 48 3.26 10.90 -11.27
N THR A 49 3.12 12.11 -11.80
CA THR A 49 3.47 13.29 -11.03
C THR A 49 2.37 14.34 -11.17
N SER A 50 2.30 15.25 -10.21
CA SER A 50 1.29 16.31 -10.21
C SER A 50 1.79 17.53 -9.46
N GLU A 51 1.33 18.70 -9.88
CA GLU A 51 1.70 19.96 -9.25
C GLU A 51 0.82 20.24 -8.04
N ASP A 52 -0.45 19.86 -8.15
CA ASP A 52 -1.43 20.11 -7.10
C ASP A 52 -2.03 18.86 -6.47
N GLY A 53 -1.72 17.69 -7.02
CA GLY A 53 -2.25 16.46 -6.48
C GLY A 53 -3.61 16.13 -7.06
N VAL A 54 -4.07 16.98 -7.98
CA VAL A 54 -5.37 16.79 -8.62
C VAL A 54 -5.20 16.44 -10.10
N HIS A 55 -4.30 17.15 -10.79
CA HIS A 55 -4.03 16.91 -12.21
C HIS A 55 -2.81 15.99 -12.29
N TRP A 56 -3.00 14.77 -12.78
CA TRP A 56 -1.91 13.81 -12.88
C TRP A 56 -1.43 13.54 -14.30
N GLU A 57 -0.13 13.33 -14.43
CA GLU A 57 0.47 13.06 -15.72
C GLU A 57 1.44 11.90 -15.57
N ASN A 58 1.39 10.96 -16.50
CA ASN A 58 2.28 9.82 -16.45
C ASN A 58 3.70 10.25 -16.72
N MET A 59 4.64 9.72 -15.95
CA MET A 59 6.04 10.02 -16.15
C MET A 59 6.71 8.72 -16.56
N GLY A 60 7.87 8.43 -16.00
CA GLY A 60 8.55 7.20 -16.39
C GLY A 60 8.26 6.02 -15.49
N TRP A 61 9.32 5.34 -15.09
CA TRP A 61 9.23 4.18 -14.21
C TRP A 61 10.54 4.03 -13.46
N VAL A 62 10.52 3.23 -12.39
CA VAL A 62 11.69 3.02 -11.56
C VAL A 62 12.78 2.16 -12.19
N PHE A 63 12.41 0.99 -12.71
CA PHE A 63 13.37 0.07 -13.31
C PHE A 63 13.19 -0.13 -14.81
N PRO A 64 14.04 0.52 -15.61
CA PRO A 64 13.93 0.37 -17.08
C PRO A 64 14.15 -1.10 -17.45
N SER A 65 14.96 -1.78 -16.65
CA SER A 65 15.25 -3.20 -16.85
C SER A 65 15.25 -3.86 -15.48
N LEU A 66 14.58 -5.00 -15.35
CA LEU A 66 14.49 -5.70 -14.07
C LEU A 66 15.77 -6.38 -13.59
N PRO A 67 16.09 -6.22 -12.29
CA PRO A 67 17.30 -6.82 -11.71
C PRO A 67 17.29 -8.33 -11.91
N ASP A 68 18.46 -8.91 -12.16
CA ASP A 68 18.55 -10.34 -12.36
C ASP A 68 18.16 -11.18 -11.15
N TRP A 69 18.33 -10.65 -9.93
CA TRP A 69 18.02 -11.46 -8.76
C TRP A 69 16.56 -11.89 -8.63
N TYR A 70 15.65 -11.23 -9.35
CA TYR A 70 14.25 -11.61 -9.31
C TYR A 70 14.10 -13.08 -9.67
N LYS A 71 14.86 -13.49 -10.69
CA LYS A 71 14.82 -14.87 -11.19
C LYS A 71 15.15 -15.92 -10.15
N GLN A 72 15.90 -15.53 -9.12
CA GLN A 72 16.28 -16.46 -8.06
C GLN A 72 15.06 -16.80 -7.21
N TYR A 73 14.09 -15.88 -7.17
CA TYR A 73 12.89 -16.09 -6.36
C TYR A 73 11.64 -16.44 -7.16
N VAL A 74 11.53 -15.89 -8.36
CA VAL A 74 10.38 -16.11 -9.22
C VAL A 74 10.88 -16.44 -10.63
N PRO A 75 11.48 -17.62 -10.81
CA PRO A 75 12.00 -18.02 -12.13
C PRO A 75 10.96 -18.06 -13.24
N GLU A 76 9.72 -18.34 -12.88
CA GLU A 76 8.63 -18.42 -13.84
C GLU A 76 8.13 -17.09 -14.41
N LYS A 77 8.47 -15.99 -13.75
CA LYS A 77 8.01 -14.68 -14.23
C LYS A 77 8.54 -14.37 -15.63
N ASP A 78 7.63 -14.07 -16.55
CA ASP A 78 8.00 -13.79 -17.93
C ASP A 78 7.78 -12.34 -18.38
N GLU A 79 7.07 -11.55 -17.58
CA GLU A 79 6.84 -10.15 -17.93
C GLU A 79 7.48 -9.22 -16.91
N ASP A 80 7.41 -7.91 -17.16
CA ASP A 80 8.07 -6.94 -16.27
C ASP A 80 7.21 -6.10 -15.32
N HIS A 81 6.01 -6.56 -15.02
CA HIS A 81 5.14 -5.80 -14.12
C HIS A 81 5.48 -6.06 -12.65
N LEU A 82 5.76 -4.98 -11.92
CA LEU A 82 6.06 -5.07 -10.49
C LEU A 82 4.79 -4.57 -9.81
N TRP A 83 4.40 -5.21 -8.71
CA TRP A 83 3.14 -4.86 -8.05
C TRP A 83 3.12 -4.11 -6.73
N ALA A 84 2.01 -3.42 -6.51
CA ALA A 84 1.71 -2.67 -5.30
C ALA A 84 2.89 -2.10 -4.53
N PRO A 85 3.44 -0.97 -4.98
CA PRO A 85 4.58 -0.38 -4.27
C PRO A 85 4.14 0.35 -3.00
N ASP A 86 5.11 0.64 -2.14
CA ASP A 86 4.86 1.38 -0.91
C ASP A 86 6.02 2.33 -0.77
N ILE A 87 5.73 3.58 -0.42
CA ILE A 87 6.77 4.59 -0.30
C ILE A 87 6.81 5.25 1.08
N CYS A 88 8.01 5.49 1.58
CA CYS A 88 8.17 6.18 2.86
C CYS A 88 9.49 6.94 2.79
N PHE A 89 9.61 7.97 3.61
CA PHE A 89 10.78 8.84 3.64
C PHE A 89 11.43 8.75 5.02
N TYR A 90 12.71 8.39 5.06
CA TYR A 90 13.42 8.24 6.33
C TYR A 90 14.90 8.54 6.18
N ASN A 91 15.43 9.36 7.10
CA ASN A 91 16.83 9.74 7.07
C ASN A 91 17.27 10.28 5.71
N GLY A 92 16.44 11.16 5.13
CA GLY A 92 16.77 11.76 3.84
C GLY A 92 16.66 10.84 2.64
N ILE A 93 16.27 9.60 2.87
CA ILE A 93 16.15 8.62 1.79
C ILE A 93 14.72 8.16 1.56
N TYR A 94 14.37 7.92 0.31
CA TYR A 94 13.04 7.42 -0.02
C TYR A 94 13.16 5.92 -0.19
N TYR A 95 12.36 5.18 0.55
CA TYR A 95 12.36 3.73 0.47
C TYR A 95 11.11 3.27 -0.25
N LEU A 96 11.33 2.62 -1.40
CA LEU A 96 10.23 2.13 -2.23
C LEU A 96 10.23 0.61 -2.25
N TYR A 97 9.25 0.03 -1.57
CA TYR A 97 9.11 -1.41 -1.54
C TYR A 97 8.12 -1.80 -2.64
N TYR A 98 8.32 -2.97 -3.22
CA TYR A 98 7.45 -3.43 -4.30
C TYR A 98 7.40 -4.96 -4.31
N SER A 99 6.47 -5.51 -5.07
CA SER A 99 6.30 -6.96 -5.15
C SER A 99 6.70 -7.56 -6.50
N VAL A 100 7.39 -8.69 -6.44
CA VAL A 100 7.79 -9.42 -7.64
C VAL A 100 7.09 -10.76 -7.47
N SER A 101 6.19 -11.09 -8.39
CA SER A 101 5.43 -12.34 -8.27
C SER A 101 4.74 -12.70 -9.59
N THR A 102 3.93 -13.76 -9.54
CA THR A 102 3.15 -14.22 -10.69
C THR A 102 1.75 -14.48 -10.15
N PHE A 103 0.75 -13.99 -10.87
CA PHE A 103 -0.65 -14.10 -10.47
C PHE A 103 -1.11 -15.50 -10.04
N GLY A 104 -1.62 -15.59 -8.81
CA GLY A 104 -2.11 -16.87 -8.32
C GLY A 104 -1.12 -17.75 -7.58
N LYS A 105 0.16 -17.37 -7.57
CA LYS A 105 1.18 -18.16 -6.90
C LYS A 105 1.81 -17.39 -5.74
N ASN A 106 2.35 -18.12 -4.77
CA ASN A 106 3.00 -17.45 -3.63
C ASN A 106 4.51 -17.58 -3.70
N THR A 107 5.03 -17.78 -4.91
CA THR A 107 6.47 -17.81 -5.12
C THR A 107 6.67 -16.34 -5.42
N SER A 108 6.96 -15.57 -4.37
CA SER A 108 7.10 -14.13 -4.49
C SER A 108 8.21 -13.55 -3.64
N VAL A 109 8.53 -12.29 -3.89
CA VAL A 109 9.55 -11.60 -3.12
C VAL A 109 9.32 -10.10 -3.16
N ILE A 110 9.50 -9.47 -2.01
CA ILE A 110 9.34 -8.03 -1.90
C ILE A 110 10.74 -7.44 -2.03
N GLY A 111 10.90 -6.50 -2.94
CA GLY A 111 12.20 -5.88 -3.15
C GLY A 111 12.19 -4.44 -2.63
N LEU A 112 13.38 -3.85 -2.57
CA LEU A 112 13.55 -2.48 -2.10
C LEU A 112 14.40 -1.66 -3.04
N ALA A 113 13.90 -0.48 -3.39
CA ALA A 113 14.63 0.47 -4.24
C ALA A 113 14.70 1.75 -3.41
N THR A 114 15.84 2.43 -3.43
CA THR A 114 15.99 3.67 -2.68
C THR A 114 16.46 4.81 -3.57
N ASN A 115 16.17 6.04 -3.17
CA ASN A 115 16.57 7.22 -3.93
C ASN A 115 16.77 8.36 -2.93
N GLN A 116 17.70 9.25 -3.23
CA GLN A 116 17.93 10.39 -2.34
C GLN A 116 16.87 11.44 -2.55
N THR A 117 16.24 11.41 -3.72
CA THR A 117 15.20 12.38 -4.07
C THR A 117 14.23 11.80 -5.09
N LEU A 118 13.05 12.41 -5.19
CA LEU A 118 12.04 11.95 -6.13
C LEU A 118 12.03 12.78 -7.41
N ASP A 119 12.79 13.87 -7.42
CA ASP A 119 12.86 14.79 -8.56
C ASP A 119 13.96 14.40 -9.56
N PRO A 120 13.56 13.95 -10.76
CA PRO A 120 14.51 13.54 -11.80
C PRO A 120 15.46 14.66 -12.26
N ARG A 121 15.05 15.90 -12.02
CA ARG A 121 15.87 17.05 -12.42
C ARG A 121 17.09 17.22 -11.52
N ASP A 122 17.08 16.57 -10.36
CA ASP A 122 18.19 16.67 -9.41
C ASP A 122 19.30 15.68 -9.76
N PRO A 123 20.56 16.12 -9.68
CA PRO A 123 21.70 15.24 -9.99
C PRO A 123 21.74 13.97 -9.16
N ASP A 124 21.21 14.03 -7.94
CA ASP A 124 21.21 12.87 -7.05
C ASP A 124 20.07 11.88 -7.31
N TYR A 125 19.25 12.15 -8.30
CA TYR A 125 18.15 11.25 -8.62
C TYR A 125 18.65 9.95 -9.23
N GLU A 126 18.45 8.84 -8.52
CA GLU A 126 18.85 7.53 -9.03
C GLU A 126 18.21 6.45 -8.17
N TRP A 127 17.35 5.65 -8.78
CA TRP A 127 16.71 4.57 -8.06
C TRP A 127 17.69 3.41 -8.01
N LYS A 128 18.20 3.14 -6.82
CA LYS A 128 19.16 2.06 -6.65
C LYS A 128 18.48 0.77 -6.22
N ASP A 129 18.91 -0.33 -6.81
CA ASP A 129 18.38 -1.66 -6.51
C ASP A 129 19.02 -2.13 -5.21
N MET A 130 18.27 -2.07 -4.11
CA MET A 130 18.81 -2.49 -2.84
C MET A 130 18.44 -3.93 -2.44
N GLY A 131 18.02 -4.71 -3.42
CA GLY A 131 17.70 -6.11 -3.19
C GLY A 131 16.42 -6.54 -2.50
N PRO A 132 16.30 -7.85 -2.25
CA PRO A 132 15.15 -8.49 -1.59
C PRO A 132 15.01 -8.16 -0.12
N VAL A 133 13.77 -8.07 0.34
CA VAL A 133 13.46 -7.74 1.72
C VAL A 133 12.98 -9.00 2.44
N ILE A 134 12.02 -9.69 1.84
CA ILE A 134 11.48 -10.93 2.39
C ILE A 134 10.80 -11.64 1.23
N HIS A 135 10.73 -12.96 1.29
CA HIS A 135 10.14 -13.74 0.21
C HIS A 135 9.36 -14.95 0.69
N SER A 136 8.61 -15.55 -0.23
CA SER A 136 7.84 -16.75 0.06
C SER A 136 8.06 -17.76 -1.05
N THR A 137 8.07 -19.03 -0.69
CA THR A 137 8.22 -20.09 -1.69
C THR A 137 6.90 -20.85 -1.62
N ALA A 138 6.69 -21.77 -2.54
CA ALA A 138 5.47 -22.55 -2.56
C ALA A 138 5.24 -23.32 -1.26
N SER A 139 6.30 -23.52 -0.49
CA SER A 139 6.18 -24.27 0.76
C SER A 139 5.74 -23.41 1.94
N ASP A 140 5.84 -22.09 1.78
CA ASP A 140 5.44 -21.18 2.85
C ASP A 140 3.93 -21.04 2.92
N ASN A 141 3.43 -20.67 4.09
CA ASN A 141 1.99 -20.50 4.27
C ASN A 141 1.56 -19.04 4.18
N TYR A 142 2.29 -18.26 3.39
CA TYR A 142 1.99 -16.85 3.22
C TYR A 142 2.50 -16.38 1.86
N ASN A 143 2.08 -15.19 1.44
CA ASN A 143 2.53 -14.67 0.16
C ASN A 143 3.24 -13.33 0.37
N ALA A 144 4.48 -13.25 -0.10
CA ALA A 144 5.29 -12.05 0.07
C ALA A 144 5.05 -10.98 -0.99
N ILE A 145 3.91 -10.31 -0.89
CA ILE A 145 3.55 -9.21 -1.79
C ILE A 145 2.76 -8.20 -0.95
N ASP A 146 2.48 -7.03 -1.54
CA ASP A 146 1.72 -5.97 -0.89
C ASP A 146 2.34 -5.41 0.38
N PRO A 147 3.56 -4.86 0.28
CA PRO A 147 4.22 -4.31 1.45
C PRO A 147 3.71 -2.95 1.89
N ASN A 148 3.89 -2.67 3.18
CA ASN A 148 3.56 -1.36 3.76
C ASN A 148 4.43 -1.20 4.96
N VAL A 149 5.12 -0.07 5.02
CA VAL A 149 5.98 0.21 6.16
C VAL A 149 5.31 1.24 7.05
N VAL A 150 5.41 1.03 8.35
CA VAL A 150 4.86 1.95 9.31
C VAL A 150 5.83 2.02 10.47
N PHE A 151 6.02 3.22 11.01
CA PHE A 151 6.91 3.41 12.15
C PHE A 151 5.97 3.57 13.34
N ASP A 152 6.16 2.76 14.38
CA ASP A 152 5.28 2.87 15.54
C ASP A 152 5.64 4.13 16.33
N GLN A 153 4.86 4.41 17.38
CA GLN A 153 5.07 5.59 18.21
C GLN A 153 6.49 5.70 18.74
N GLU A 154 7.11 4.55 18.99
CA GLU A 154 8.47 4.50 19.51
C GLU A 154 9.56 4.58 18.45
N GLY A 155 9.18 4.91 17.21
CA GLY A 155 10.15 5.04 16.14
C GLY A 155 10.64 3.74 15.51
N GLN A 156 10.01 2.63 15.87
CA GLN A 156 10.40 1.33 15.31
C GLN A 156 9.71 1.06 13.99
N PRO A 157 10.48 0.82 12.91
CA PRO A 157 9.84 0.55 11.63
C PRO A 157 9.36 -0.89 11.56
N TRP A 158 8.17 -1.09 10.99
CA TRP A 158 7.58 -2.42 10.85
C TRP A 158 7.11 -2.58 9.41
N LEU A 159 7.14 -3.82 8.92
CA LEU A 159 6.68 -4.10 7.57
C LEU A 159 5.49 -5.05 7.65
N SER A 160 4.37 -4.64 7.08
CA SER A 160 3.22 -5.53 7.04
C SER A 160 3.10 -5.89 5.56
N PHE A 161 2.53 -7.05 5.27
CA PHE A 161 2.36 -7.48 3.89
C PHE A 161 1.47 -8.71 3.88
N GLY A 162 1.23 -9.27 2.70
CA GLY A 162 0.41 -10.47 2.65
C GLY A 162 -0.76 -10.43 1.70
N SER A 163 -1.09 -11.60 1.18
CA SER A 163 -2.19 -11.75 0.25
C SER A 163 -2.56 -13.23 0.24
N PHE A 164 -3.81 -13.52 0.61
CA PHE A 164 -4.31 -14.88 0.68
C PHE A 164 -3.45 -15.80 1.55
N TRP A 165 -3.56 -17.11 1.35
CA TRP A 165 -2.82 -18.07 2.18
C TRP A 165 -3.14 -17.79 3.66
N SER A 166 -2.13 -17.69 4.53
CA SER A 166 -2.43 -17.45 5.94
C SER A 166 -2.91 -16.04 6.26
N GLY A 167 -2.75 -15.12 5.31
CA GLY A 167 -3.21 -13.76 5.52
C GLY A 167 -2.17 -12.67 5.66
N ILE A 168 -2.50 -11.67 6.48
CA ILE A 168 -1.64 -10.52 6.72
C ILE A 168 -0.53 -10.80 7.72
N GLN A 169 0.70 -10.51 7.32
CA GLN A 169 1.87 -10.75 8.16
C GLN A 169 2.45 -9.43 8.65
N LEU A 170 3.23 -9.51 9.73
CA LEU A 170 3.87 -8.34 10.32
C LEU A 170 5.27 -8.74 10.79
N ILE A 171 6.26 -7.90 10.52
CA ILE A 171 7.63 -8.19 10.92
C ILE A 171 8.42 -6.90 11.17
N GLN A 172 9.25 -6.91 12.20
CA GLN A 172 10.07 -5.74 12.53
C GLN A 172 11.20 -5.54 11.53
N LEU A 173 11.50 -4.28 11.24
CA LEU A 173 12.58 -3.93 10.33
C LEU A 173 13.65 -3.23 11.17
N ASP A 174 14.90 -3.33 10.75
CA ASP A 174 15.98 -2.67 11.45
C ASP A 174 16.10 -1.28 10.82
N THR A 175 16.33 -0.25 11.64
CA THR A 175 16.42 1.11 11.12
C THR A 175 17.58 1.35 10.15
N GLU A 176 18.69 0.64 10.35
CA GLU A 176 19.86 0.82 9.50
C GLU A 176 19.64 0.27 8.10
N THR A 177 19.25 -0.99 8.01
CA THR A 177 19.03 -1.65 6.73
C THR A 177 17.63 -1.50 6.18
N MET A 178 16.68 -1.22 7.06
CA MET A 178 15.27 -1.10 6.66
C MET A 178 14.80 -2.43 6.08
N LYS A 179 15.37 -3.50 6.62
CA LYS A 179 15.04 -4.88 6.24
C LYS A 179 14.94 -5.65 7.55
N PRO A 180 14.21 -6.78 7.55
CA PRO A 180 14.09 -7.55 8.79
C PRO A 180 15.41 -8.18 9.18
N ALA A 181 15.63 -8.36 10.47
CA ALA A 181 16.85 -9.03 10.93
C ALA A 181 16.67 -10.46 10.45
N ALA A 182 17.76 -11.18 10.22
CA ALA A 182 17.68 -12.55 9.75
C ALA A 182 16.85 -13.46 10.66
N GLN A 183 16.81 -13.13 11.95
CA GLN A 183 16.06 -13.96 12.88
C GLN A 183 14.80 -13.29 13.41
N ALA A 184 14.32 -12.27 12.70
CA ALA A 184 13.11 -11.56 13.12
C ALA A 184 11.90 -12.49 13.00
N GLU A 185 11.00 -12.42 13.97
CA GLU A 185 9.82 -13.27 13.95
C GLU A 185 8.72 -12.72 13.04
N LEU A 186 8.12 -13.61 12.25
CA LEU A 186 7.06 -13.23 11.34
C LEU A 186 5.74 -13.54 12.04
N LEU A 187 4.90 -12.53 12.23
CA LEU A 187 3.63 -12.72 12.91
C LEU A 187 2.42 -12.47 12.00
N THR A 188 1.43 -13.35 12.09
CA THR A 188 0.21 -13.22 11.29
C THR A 188 -0.76 -12.34 12.11
N ILE A 189 -1.26 -11.26 11.51
CA ILE A 189 -2.15 -10.36 12.24
C ILE A 189 -3.59 -10.20 11.74
N ALA A 190 -3.91 -10.77 10.59
CA ALA A 190 -5.27 -10.67 10.07
C ALA A 190 -5.55 -11.82 9.11
N SER A 191 -6.77 -12.34 9.17
CA SER A 191 -7.17 -13.44 8.30
C SER A 191 -8.68 -13.55 8.25
N ARG A 192 -9.21 -13.91 7.08
CA ARG A 192 -10.66 -14.07 6.94
C ARG A 192 -11.07 -15.35 7.65
N GLY A 193 -10.12 -16.28 7.80
CA GLY A 193 -10.44 -17.55 8.43
C GLY A 193 -11.26 -18.39 7.45
N GLU A 194 -11.24 -17.98 6.19
CA GLU A 194 -11.98 -18.67 5.14
C GLU A 194 -10.98 -19.26 4.14
N GLU A 195 -11.50 -20.05 3.19
CA GLU A 195 -10.67 -20.66 2.15
C GLU A 195 -11.40 -20.59 0.82
N PRO A 196 -10.84 -19.85 -0.16
CA PRO A 196 -9.58 -19.10 -0.04
C PRO A 196 -9.69 -17.97 0.96
N ASN A 197 -8.54 -17.51 1.44
CA ASN A 197 -8.46 -16.44 2.43
C ASN A 197 -8.32 -15.10 1.70
N ALA A 198 -9.45 -14.53 1.29
CA ALA A 198 -9.45 -13.27 0.55
C ALA A 198 -9.22 -12.01 1.38
N ILE A 199 -7.97 -11.77 1.73
CA ILE A 199 -7.58 -10.58 2.47
C ILE A 199 -6.18 -10.25 1.97
N GLU A 200 -5.93 -8.97 1.72
CA GLU A 200 -4.61 -8.57 1.21
C GLU A 200 -4.46 -7.05 1.27
N ALA A 201 -3.33 -6.58 0.74
CA ALA A 201 -3.02 -5.16 0.67
C ALA A 201 -3.17 -4.41 1.99
N PRO A 202 -2.42 -4.80 3.02
CA PRO A 202 -2.51 -4.15 4.34
C PRO A 202 -1.85 -2.77 4.35
N PHE A 203 -2.40 -1.89 5.18
CA PHE A 203 -1.83 -0.56 5.35
C PHE A 203 -2.13 -0.15 6.79
N ILE A 204 -1.06 0.12 7.54
CA ILE A 204 -1.20 0.48 8.94
C ILE A 204 -0.81 1.93 9.22
N VAL A 205 -1.62 2.61 10.01
CA VAL A 205 -1.35 3.99 10.41
C VAL A 205 -1.60 4.07 11.89
N CYS A 206 -1.01 5.07 12.54
CA CYS A 206 -1.20 5.26 13.96
C CYS A 206 -1.86 6.61 14.17
N ARG A 207 -2.96 6.61 14.92
CA ARG A 207 -3.67 7.85 15.22
C ARG A 207 -4.20 7.83 16.64
N ASN A 208 -3.79 8.82 17.42
CA ASN A 208 -4.24 8.94 18.80
C ASN A 208 -4.08 7.67 19.64
N GLY A 209 -2.87 7.13 19.68
CA GLY A 209 -2.62 5.94 20.48
C GLY A 209 -3.19 4.64 19.97
N TYR A 210 -3.68 4.65 18.74
CA TYR A 210 -4.25 3.44 18.15
C TYR A 210 -3.61 3.16 16.80
N TYR A 211 -3.45 1.88 16.47
CA TYR A 211 -2.90 1.50 15.18
C TYR A 211 -4.08 0.96 14.38
N TYR A 212 -4.29 1.52 13.19
CA TYR A 212 -5.38 1.10 12.34
C TYR A 212 -4.88 0.29 11.16
N LEU A 213 -5.42 -0.91 11.01
CA LEU A 213 -5.02 -1.78 9.92
C LEU A 213 -6.12 -1.80 8.87
N PHE A 214 -5.82 -1.24 7.70
CA PHE A 214 -6.75 -1.23 6.59
C PHE A 214 -6.33 -2.39 5.69
N VAL A 215 -7.30 -3.13 5.17
CA VAL A 215 -7.01 -4.26 4.30
C VAL A 215 -8.06 -4.31 3.21
N SER A 216 -7.81 -5.11 2.18
CA SER A 216 -8.78 -5.25 1.10
C SER A 216 -9.36 -6.65 1.17
N PHE A 217 -10.70 -6.71 1.28
CA PHE A 217 -11.44 -7.96 1.35
C PHE A 217 -11.90 -8.38 -0.02
N ASP A 218 -12.01 -9.68 -0.21
CA ASP A 218 -12.53 -10.27 -1.42
C ASP A 218 -11.74 -10.17 -2.74
N PHE A 219 -12.40 -10.03 -3.87
CA PHE A 219 -11.65 -10.06 -5.14
C PHE A 219 -11.38 -8.87 -6.04
N CYS A 220 -10.17 -8.90 -6.61
CA CYS A 220 -9.68 -7.87 -7.50
C CYS A 220 -9.59 -8.42 -8.92
N CYS A 221 -8.86 -7.66 -9.75
CA CYS A 221 -8.57 -8.00 -11.13
C CYS A 221 -9.67 -8.71 -11.94
N ARG A 222 -10.86 -8.13 -11.97
CA ARG A 222 -11.96 -8.71 -12.72
C ARG A 222 -12.84 -7.62 -13.31
N GLY A 223 -12.28 -6.44 -13.47
CA GLY A 223 -13.02 -5.32 -14.03
C GLY A 223 -14.29 -5.00 -13.25
N ILE A 224 -15.39 -4.80 -13.96
CA ILE A 224 -16.65 -4.47 -13.31
C ILE A 224 -17.21 -5.61 -12.48
N GLU A 225 -16.57 -6.77 -12.51
CA GLU A 225 -17.04 -7.89 -11.71
C GLU A 225 -16.20 -8.07 -10.44
N SER A 226 -15.31 -7.11 -10.18
CA SER A 226 -14.46 -7.17 -8.98
C SER A 226 -15.35 -6.99 -7.75
N THR A 227 -14.97 -7.64 -6.66
CA THR A 227 -15.76 -7.55 -5.43
C THR A 227 -15.01 -6.98 -4.24
N TYR A 228 -13.90 -6.30 -4.51
CA TYR A 228 -13.09 -5.68 -3.47
C TYR A 228 -13.92 -4.82 -2.51
N LYS A 229 -13.49 -4.79 -1.26
CA LYS A 229 -14.13 -4.00 -0.22
C LYS A 229 -12.99 -3.58 0.71
N ILE A 230 -13.04 -2.35 1.20
CA ILE A 230 -12.01 -1.88 2.12
C ILE A 230 -12.53 -2.05 3.54
N ALA A 231 -11.74 -2.73 4.39
CA ALA A 231 -12.11 -2.98 5.78
C ALA A 231 -11.04 -2.45 6.72
N VAL A 232 -11.42 -2.18 7.97
CA VAL A 232 -10.47 -1.66 8.94
C VAL A 232 -10.70 -2.18 10.36
N GLY A 233 -9.61 -2.29 11.10
CA GLY A 233 -9.66 -2.75 12.49
C GLY A 233 -8.59 -1.97 13.23
N ARG A 234 -8.60 -2.01 14.56
CA ARG A 234 -7.59 -1.26 15.30
C ARG A 234 -7.08 -1.99 16.55
N SER A 235 -5.95 -1.52 17.07
CA SER A 235 -5.33 -2.10 18.26
C SER A 235 -4.45 -1.07 18.94
N LYS A 236 -4.29 -1.21 20.25
CA LYS A 236 -3.44 -0.27 20.99
C LYS A 236 -1.97 -0.62 20.75
N ASP A 237 -1.71 -1.88 20.42
CA ASP A 237 -0.34 -2.34 20.16
C ASP A 237 -0.16 -2.71 18.69
N ILE A 238 0.99 -2.34 18.13
CA ILE A 238 1.29 -2.62 16.73
C ILE A 238 1.13 -4.10 16.37
N THR A 239 1.39 -4.98 17.32
CA THR A 239 1.31 -6.41 17.07
C THR A 239 -0.10 -7.00 17.22
N GLY A 240 -1.07 -6.17 17.59
CA GLY A 240 -2.43 -6.66 17.74
C GLY A 240 -2.85 -6.89 19.17
N PRO A 241 -4.04 -7.47 19.41
CA PRO A 241 -4.96 -7.90 18.35
C PRO A 241 -5.79 -6.77 17.74
N TYR A 242 -5.89 -6.79 16.41
CA TYR A 242 -6.67 -5.78 15.70
C TYR A 242 -8.10 -6.26 15.73
N VAL A 243 -8.99 -5.39 16.21
CA VAL A 243 -10.39 -5.72 16.33
C VAL A 243 -11.26 -4.66 15.66
N ASP A 244 -12.41 -5.06 15.13
CA ASP A 244 -13.29 -4.10 14.47
C ASP A 244 -14.29 -3.48 15.44
N LYS A 245 -15.21 -2.69 14.90
CA LYS A 245 -16.22 -2.01 15.71
C LYS A 245 -17.09 -2.95 16.55
N ASN A 246 -17.33 -4.15 16.03
CA ASN A 246 -18.15 -5.12 16.73
C ASN A 246 -17.38 -5.94 17.76
N GLY A 247 -16.08 -5.68 17.87
CA GLY A 247 -15.27 -6.41 18.83
C GLY A 247 -14.74 -7.72 18.27
N VAL A 248 -14.90 -7.93 16.97
CA VAL A 248 -14.42 -9.16 16.34
C VAL A 248 -12.98 -8.99 15.87
N SER A 249 -12.12 -9.95 16.22
CA SER A 249 -10.73 -9.90 15.81
C SER A 249 -10.56 -10.03 14.31
N MET A 250 -9.57 -9.34 13.76
CA MET A 250 -9.30 -9.40 12.33
C MET A 250 -8.67 -10.72 11.95
N MET A 251 -8.33 -11.54 12.95
CA MET A 251 -7.75 -12.85 12.71
C MET A 251 -8.89 -13.83 12.48
N GLN A 252 -10.11 -13.42 12.82
CA GLN A 252 -11.29 -14.25 12.64
C GLN A 252 -12.27 -13.64 11.65
N GLY A 253 -11.75 -12.95 10.64
CA GLY A 253 -12.60 -12.32 9.63
C GLY A 253 -13.17 -10.99 10.05
N GLY A 254 -12.73 -10.48 11.19
CA GLY A 254 -13.21 -9.19 11.66
C GLY A 254 -12.74 -8.06 10.77
N GLY A 255 -13.48 -6.96 10.79
CA GLY A 255 -13.12 -5.81 9.98
C GLY A 255 -14.36 -5.00 9.66
N THR A 256 -14.29 -3.70 9.91
CA THR A 256 -15.41 -2.79 9.65
C THR A 256 -15.27 -2.27 8.23
N ILE A 257 -16.29 -2.48 7.41
CA ILE A 257 -16.26 -2.04 6.02
C ILE A 257 -16.35 -0.52 5.86
N LEU A 258 -15.33 0.04 5.22
CA LEU A 258 -15.23 1.48 5.00
C LEU A 258 -15.81 1.88 3.64
N ASP A 259 -15.68 1.00 2.66
CA ASP A 259 -16.19 1.27 1.32
C ASP A 259 -16.36 -0.05 0.59
N GLU A 260 -17.52 -0.24 -0.03
CA GLU A 260 -17.83 -1.46 -0.75
C GLU A 260 -18.03 -1.15 -2.23
N GLY A 261 -17.85 0.12 -2.57
CA GLY A 261 -18.01 0.55 -3.94
C GLY A 261 -19.47 0.77 -4.29
N ASN A 262 -19.72 1.10 -5.56
CA ASN A 262 -21.07 1.33 -6.04
C ASN A 262 -21.15 0.98 -7.52
N ASP A 263 -22.23 1.38 -8.18
CA ASP A 263 -22.42 1.08 -9.60
C ASP A 263 -21.57 1.89 -10.57
N ARG A 264 -20.91 2.93 -10.08
CA ARG A 264 -20.07 3.78 -10.93
C ARG A 264 -18.59 3.49 -10.67
N TRP A 265 -18.23 3.31 -9.41
CA TRP A 265 -16.86 2.96 -9.02
C TRP A 265 -16.94 1.62 -8.32
N ILE A 266 -16.59 0.56 -9.04
CA ILE A 266 -16.66 -0.81 -8.55
C ILE A 266 -15.41 -1.32 -7.82
N GLY A 267 -15.65 -2.19 -6.83
CA GLY A 267 -14.58 -2.81 -6.07
C GLY A 267 -13.37 -1.97 -5.68
N PRO A 268 -13.52 -1.01 -4.77
CA PRO A 268 -12.40 -0.17 -4.34
C PRO A 268 -11.41 -1.03 -3.53
N GLY A 269 -10.13 -0.90 -3.82
CA GLY A 269 -9.15 -1.70 -3.10
C GLY A 269 -7.72 -1.17 -3.10
N HIS A 270 -6.85 -1.87 -2.39
CA HIS A 270 -5.43 -1.48 -2.27
C HIS A 270 -5.34 -0.02 -1.83
N CYS A 271 -5.71 0.23 -0.59
CA CYS A 271 -5.69 1.60 -0.09
C CYS A 271 -4.43 2.02 0.64
N ALA A 272 -4.30 3.33 0.79
CA ALA A 272 -3.18 3.97 1.47
C ALA A 272 -3.81 5.16 2.18
N VAL A 273 -3.32 5.47 3.38
CA VAL A 273 -3.86 6.58 4.15
C VAL A 273 -2.75 7.53 4.56
N TYR A 274 -2.96 8.82 4.30
CA TYR A 274 -1.98 9.84 4.63
C TYR A 274 -2.61 10.98 5.42
N PHE A 275 -1.79 11.65 6.22
CA PHE A 275 -2.26 12.76 7.04
C PHE A 275 -1.47 14.04 6.80
N SER A 276 -2.07 15.17 7.17
CA SER A 276 -1.45 16.48 7.05
C SER A 276 -2.18 17.35 8.04
N GLY A 277 -1.57 17.58 9.19
CA GLY A 277 -2.22 18.39 10.21
C GLY A 277 -3.40 17.60 10.75
N VAL A 278 -4.58 18.20 10.72
CA VAL A 278 -5.77 17.51 11.20
C VAL A 278 -6.50 16.77 10.08
N SER A 279 -6.05 16.97 8.84
CA SER A 279 -6.68 16.32 7.69
C SER A 279 -6.03 14.99 7.31
N ALA A 280 -6.73 14.23 6.48
CA ALA A 280 -6.24 12.94 6.01
C ALA A 280 -6.95 12.57 4.72
N ILE A 281 -6.34 11.68 3.96
CA ILE A 281 -6.92 11.23 2.70
C ILE A 281 -6.81 9.72 2.59
N LEU A 282 -7.77 9.15 1.86
CA LEU A 282 -7.78 7.73 1.59
C LEU A 282 -7.44 7.63 0.11
N VAL A 283 -6.42 6.85 -0.20
CA VAL A 283 -6.01 6.65 -1.58
C VAL A 283 -6.26 5.19 -1.91
N ASN A 284 -6.76 4.92 -3.10
CA ASN A 284 -7.03 3.55 -3.53
C ASN A 284 -7.34 3.55 -5.01
N HIS A 285 -7.62 2.37 -5.56
CA HIS A 285 -8.01 2.29 -6.95
C HIS A 285 -9.40 1.66 -6.94
N ALA A 286 -10.15 1.90 -8.00
CA ALA A 286 -11.49 1.35 -8.15
C ALA A 286 -11.68 1.13 -9.64
N TYR A 287 -12.53 0.16 -9.99
CA TYR A 287 -12.76 -0.16 -11.38
C TYR A 287 -13.82 0.74 -12.00
N ASP A 288 -13.45 1.40 -13.09
CA ASP A 288 -14.32 2.34 -13.79
C ASP A 288 -15.41 1.69 -14.62
N ALA A 289 -16.63 1.63 -14.07
CA ALA A 289 -17.75 1.01 -14.77
C ALA A 289 -18.07 1.73 -16.08
N LEU A 290 -17.56 2.95 -16.23
CA LEU A 290 -17.82 3.72 -17.45
C LEU A 290 -16.66 3.65 -18.45
N LYS A 291 -15.59 2.97 -18.07
CA LYS A 291 -14.42 2.84 -18.94
C LYS A 291 -13.82 1.43 -18.95
N ASN A 292 -14.63 0.46 -19.34
CA ASN A 292 -14.19 -0.94 -19.44
C ASN A 292 -13.63 -1.51 -18.14
N GLY A 293 -14.07 -0.95 -17.01
CA GLY A 293 -13.62 -1.43 -15.71
C GLY A 293 -12.14 -1.32 -15.42
N GLU A 294 -11.49 -0.33 -16.01
CA GLU A 294 -10.06 -0.14 -15.79
C GLU A 294 -9.77 0.39 -14.38
N PRO A 295 -8.71 -0.12 -13.74
CA PRO A 295 -8.32 0.29 -12.37
C PRO A 295 -8.02 1.79 -12.42
N THR A 296 -8.71 2.57 -11.58
CA THR A 296 -8.54 4.01 -11.59
C THR A 296 -8.21 4.62 -10.23
N LEU A 297 -7.29 5.57 -10.24
CA LEU A 297 -6.87 6.26 -9.02
C LEU A 297 -8.03 7.00 -8.38
N GLN A 298 -8.12 6.90 -7.06
CA GLN A 298 -9.15 7.59 -6.27
C GLN A 298 -8.49 8.22 -5.06
N ILE A 299 -8.85 9.47 -4.78
CA ILE A 299 -8.33 10.16 -3.61
C ILE A 299 -9.51 10.89 -2.99
N ARG A 300 -9.78 10.59 -1.72
CA ARG A 300 -10.90 11.21 -1.02
C ARG A 300 -10.51 11.59 0.39
N PRO A 301 -11.08 12.68 0.92
CA PRO A 301 -10.73 13.06 2.29
C PRO A 301 -11.26 11.97 3.21
N LEU A 302 -10.52 11.67 4.27
CA LEU A 302 -10.92 10.65 5.22
C LEU A 302 -11.10 11.28 6.58
N TYR A 303 -12.30 11.16 7.13
CA TYR A 303 -12.58 11.73 8.44
C TYR A 303 -12.53 10.68 9.54
N TRP A 304 -12.61 11.15 10.78
CA TRP A 304 -12.56 10.28 11.95
C TRP A 304 -13.62 10.74 12.94
N ASP A 305 -14.45 9.80 13.39
CA ASP A 305 -15.51 10.14 14.32
C ASP A 305 -15.02 10.33 15.76
N ASP A 306 -15.96 10.60 16.66
CA ASP A 306 -15.65 10.83 18.06
C ASP A 306 -15.08 9.61 18.77
N GLU A 307 -15.38 8.42 18.25
CA GLU A 307 -14.89 7.18 18.84
C GLU A 307 -13.51 6.85 18.28
N GLY A 308 -13.08 7.62 17.28
CA GLY A 308 -11.78 7.39 16.68
C GLY A 308 -11.79 6.59 15.39
N TRP A 309 -12.96 6.11 14.98
CA TRP A 309 -13.06 5.34 13.74
C TRP A 309 -13.15 6.22 12.51
N PRO A 310 -12.44 5.84 11.43
CA PRO A 310 -12.44 6.62 10.19
C PRO A 310 -13.70 6.40 9.36
N TYR A 311 -14.04 7.39 8.55
CA TYR A 311 -15.21 7.32 7.68
C TYR A 311 -15.04 8.31 6.52
N LEU A 312 -15.62 7.95 5.38
CA LEU A 312 -15.55 8.79 4.19
C LEU A 312 -16.74 9.74 4.15
N SER A 313 -16.51 10.95 3.68
CA SER A 313 -17.58 11.96 3.60
C SER A 313 -18.52 11.66 2.44
N VAL A 314 -19.66 12.35 2.43
CA VAL A 314 -20.66 12.16 1.39
C VAL A 314 -20.75 13.39 0.50
CA CA B . -0.29 -1.41 -0.61
#